data_6EY5
#
_entry.id   6EY5
#
_cell.length_a   77.004
_cell.length_b   77.004
_cell.length_c   228.557
_cell.angle_alpha   90.00
_cell.angle_beta   90.00
_cell.angle_gamma   90.00
#
_symmetry.space_group_name_H-M   'P 43 21 2'
#
loop_
_entity.id
_entity.type
_entity.pdbx_description
1 polymer 'T9SS component cytoplasmic membrane protein PorM'
2 non-polymer 'ZINC ION'
3 water water
#
_entity_poly.entity_id   1
_entity_poly.type   'polypeptide(L)'
_entity_poly.pdbx_seq_one_letter_code
;SVDVGDYRVNSITAQVIPQSQIVMSGDTYKANIVLSSVDTTQRPDVFVNGKLLSPENMGLFTATAGAPGTYPVKGYIEMM
GNDGVKIRRDFESEYFVTEPMASVAPTMMNVLYAGIDNPINIAVPGVAQQNVSATINNGTLTRRGNLWIARPTKVGSEAI
ISVTAQSGGRTIQMAKTTLRVRALPDPLPYIEYKDVQGNTKRFKGGRLGKREILAAGGIKAALDDDLLEVNYTVVKFQLV
FYDSMGNSIPEVSDGASFSERQKRQIQNLGKGKRFYVTEVIARGPDGIERKIPAIEVIVN
;
_entity_poly.pdbx_strand_id   A,B
#
# COMPACT_ATOMS: atom_id res chain seq x y z
N VAL A 9 -9.24 -56.44 -18.56
CA VAL A 9 -9.42 -54.98 -18.62
C VAL A 9 -9.51 -54.38 -17.21
N ASN A 10 -8.60 -53.45 -16.89
CA ASN A 10 -8.49 -52.83 -15.57
C ASN A 10 -9.22 -51.49 -15.42
N SER A 11 -9.41 -51.06 -14.15
CA SER A 11 -10.16 -49.90 -13.66
C SER A 11 -9.75 -48.53 -14.26
N ILE A 12 -10.75 -47.63 -14.37
CA ILE A 12 -10.61 -46.26 -14.87
C ILE A 12 -10.73 -45.37 -13.65
N THR A 13 -9.95 -44.28 -13.59
CA THR A 13 -9.88 -43.38 -12.44
C THR A 13 -9.88 -41.91 -12.86
N ALA A 14 -10.47 -41.03 -12.03
CA ALA A 14 -10.45 -39.58 -12.26
C ALA A 14 -9.19 -39.04 -11.62
N GLN A 15 -8.52 -38.09 -12.30
CA GLN A 15 -7.31 -37.50 -11.76
C GLN A 15 -7.33 -35.98 -11.85
N VAL A 16 -6.96 -35.30 -10.76
CA VAL A 16 -6.83 -33.85 -10.72
C VAL A 16 -5.33 -33.62 -10.74
N ILE A 17 -4.78 -33.17 -11.88
CA ILE A 17 -3.35 -32.92 -12.04
C ILE A 17 -3.03 -31.43 -12.02
N PRO A 18 -2.70 -30.87 -10.83
CA PRO A 18 -2.37 -29.44 -10.78
C PRO A 18 -0.94 -29.14 -11.24
N GLN A 19 -0.68 -27.86 -11.49
CA GLN A 19 0.62 -27.30 -11.80
C GLN A 19 1.32 -27.29 -10.42
N SER A 20 0.62 -26.79 -9.40
CA SER A 20 1.06 -26.72 -8.01
C SER A 20 -0.17 -26.83 -7.09
N GLN A 21 -0.01 -27.54 -5.96
CA GLN A 21 -1.05 -27.72 -4.96
C GLN A 21 -1.13 -26.51 -4.04
N ILE A 22 -0.06 -25.67 -4.01
CA ILE A 22 0.03 -24.43 -3.23
C ILE A 22 0.23 -23.28 -4.23
N VAL A 23 -0.68 -22.31 -4.20
CA VAL A 23 -0.59 -21.13 -5.05
C VAL A 23 -0.55 -19.90 -4.18
N MET A 24 0.34 -18.98 -4.50
CA MET A 24 0.44 -17.71 -3.80
C MET A 24 -0.67 -16.81 -4.29
N SER A 25 -1.25 -16.03 -3.39
CA SER A 25 -2.35 -15.11 -3.69
C SER A 25 -1.94 -14.22 -4.88
N GLY A 26 -2.77 -14.20 -5.91
CA GLY A 26 -2.50 -13.39 -7.09
C GLY A 26 -2.17 -14.22 -8.32
N ASP A 27 -1.71 -15.45 -8.08
CA ASP A 27 -1.39 -16.42 -9.11
C ASP A 27 -2.69 -17.17 -9.41
N THR A 28 -2.70 -18.05 -10.40
CA THR A 28 -3.93 -18.81 -10.63
C THR A 28 -3.65 -20.30 -10.48
N TYR A 29 -4.58 -21.01 -9.87
CA TYR A 29 -4.51 -22.46 -9.71
C TYR A 29 -4.89 -23.08 -11.06
N LYS A 30 -4.04 -23.94 -11.60
CA LYS A 30 -4.33 -24.59 -12.89
C LYS A 30 -4.27 -26.09 -12.69
N ALA A 31 -5.37 -26.80 -13.02
CA ALA A 31 -5.41 -28.25 -12.86
C ALA A 31 -6.06 -28.94 -14.04
N ASN A 32 -5.39 -29.96 -14.58
CA ASN A 32 -5.99 -30.74 -15.66
C ASN A 32 -6.76 -31.90 -15.04
N ILE A 33 -8.00 -32.05 -15.45
CA ILE A 33 -8.86 -33.11 -14.91
C ILE A 33 -9.08 -34.13 -16.02
N VAL A 34 -8.55 -35.35 -15.79
CA VAL A 34 -8.57 -36.41 -16.80
C VAL A 34 -9.07 -37.77 -16.30
N LEU A 35 -9.53 -38.60 -17.23
CA LEU A 35 -9.88 -39.99 -16.93
C LEU A 35 -8.68 -40.81 -17.33
N SER A 36 -8.08 -41.51 -16.36
CA SER A 36 -6.88 -42.36 -16.55
C SER A 36 -7.26 -43.82 -16.42
N SER A 37 -6.65 -44.70 -17.22
CA SER A 37 -6.92 -46.14 -17.18
C SER A 37 -5.80 -46.84 -16.42
N VAL A 38 -6.03 -47.11 -15.12
CA VAL A 38 -5.05 -47.74 -14.22
C VAL A 38 -5.04 -49.29 -14.31
N ASP A 39 -3.84 -49.88 -14.49
CA ASP A 39 -3.64 -51.35 -14.50
C ASP A 39 -3.59 -51.81 -13.04
N THR A 40 -4.56 -52.64 -12.63
CA THR A 40 -4.63 -53.12 -11.25
C THR A 40 -3.92 -54.46 -11.11
N THR A 41 -3.41 -55.01 -12.24
CA THR A 41 -2.69 -56.28 -12.28
C THR A 41 -1.43 -56.18 -11.43
N GLN A 42 -0.52 -55.24 -11.77
CA GLN A 42 0.74 -55.00 -11.04
C GLN A 42 0.94 -53.54 -10.73
N ARG A 43 1.51 -53.25 -9.54
CA ARG A 43 1.79 -51.88 -9.08
C ARG A 43 3.04 -51.36 -9.78
N PRO A 44 3.03 -50.15 -10.41
CA PRO A 44 4.26 -49.67 -11.05
C PRO A 44 5.37 -49.28 -10.06
N ASP A 45 6.57 -49.09 -10.60
CA ASP A 45 7.79 -48.77 -9.87
C ASP A 45 8.17 -47.31 -10.12
N VAL A 46 8.32 -46.53 -9.05
CA VAL A 46 8.69 -45.11 -9.13
C VAL A 46 10.07 -44.94 -8.55
N PHE A 47 11.02 -44.67 -9.42
CA PHE A 47 12.41 -44.45 -9.06
C PHE A 47 12.61 -42.96 -9.18
N VAL A 48 12.90 -42.29 -8.06
CA VAL A 48 13.14 -40.85 -8.07
C VAL A 48 14.37 -40.50 -7.24
N ASN A 49 15.29 -39.69 -7.80
CA ASN A 49 16.51 -39.24 -7.15
C ASN A 49 17.25 -40.35 -6.41
N GLY A 50 17.54 -41.40 -7.18
CA GLY A 50 18.29 -42.56 -6.70
C GLY A 50 17.61 -43.45 -5.68
N LYS A 51 16.29 -43.35 -5.56
CA LYS A 51 15.54 -44.16 -4.62
C LYS A 51 14.25 -44.67 -5.21
N LEU A 52 13.93 -45.90 -4.91
CA LEU A 52 12.69 -46.50 -5.35
C LEU A 52 11.66 -46.21 -4.27
N LEU A 53 10.55 -45.59 -4.63
CA LEU A 53 9.49 -45.29 -3.65
C LEU A 53 8.84 -46.55 -3.16
N SER A 54 8.62 -46.64 -1.85
CA SER A 54 7.98 -47.80 -1.25
C SER A 54 6.50 -47.62 -1.44
N PRO A 55 5.73 -48.70 -1.63
CA PRO A 55 4.26 -48.54 -1.85
C PRO A 55 3.53 -47.68 -0.81
N GLU A 56 4.03 -47.69 0.44
CA GLU A 56 3.53 -46.95 1.61
C GLU A 56 3.49 -45.43 1.37
N ASN A 57 4.44 -44.93 0.56
CA ASN A 57 4.56 -43.53 0.18
C ASN A 57 3.38 -43.08 -0.72
N MET A 58 2.65 -44.03 -1.34
CA MET A 58 1.48 -43.78 -2.19
C MET A 58 1.74 -42.75 -3.31
N GLY A 59 2.94 -42.81 -3.90
CA GLY A 59 3.36 -41.92 -4.96
C GLY A 59 3.96 -40.60 -4.52
N LEU A 60 3.95 -40.35 -3.20
CA LEU A 60 4.46 -39.11 -2.61
C LEU A 60 5.93 -39.25 -2.35
N PHE A 61 6.70 -38.36 -2.93
CA PHE A 61 8.15 -38.28 -2.74
C PHE A 61 8.36 -37.04 -1.88
N THR A 62 9.19 -37.15 -0.84
CA THR A 62 9.49 -36.05 0.08
C THR A 62 10.98 -35.91 0.29
N ALA A 63 11.45 -34.67 0.43
CA ALA A 63 12.85 -34.30 0.64
C ALA A 63 12.93 -33.10 1.58
N THR A 64 13.75 -33.19 2.67
CA THR A 64 13.91 -32.06 3.62
C THR A 64 14.75 -30.98 2.97
N ALA A 65 14.25 -29.74 2.98
CA ALA A 65 14.90 -28.59 2.38
C ALA A 65 16.06 -28.16 3.24
N GLY A 66 17.26 -28.17 2.68
CA GLY A 66 18.47 -27.82 3.40
C GLY A 66 19.02 -26.47 2.99
N ALA A 67 20.14 -26.48 2.25
CA ALA A 67 20.79 -25.26 1.79
C ALA A 67 20.02 -24.66 0.62
N PRO A 68 19.84 -23.31 0.56
CA PRO A 68 19.14 -22.71 -0.59
C PRO A 68 19.81 -23.04 -1.93
N GLY A 69 18.99 -23.18 -2.97
CA GLY A 69 19.44 -23.47 -4.33
C GLY A 69 18.41 -24.17 -5.20
N THR A 70 18.84 -24.63 -6.41
CA THR A 70 17.98 -25.35 -7.36
C THR A 70 18.27 -26.83 -7.26
N TYR A 71 17.23 -27.59 -6.86
CA TYR A 71 17.29 -29.03 -6.66
C TYR A 71 16.48 -29.75 -7.72
N PRO A 72 17.05 -30.76 -8.40
CA PRO A 72 16.27 -31.47 -9.42
C PRO A 72 15.53 -32.68 -8.87
N VAL A 73 14.42 -32.98 -9.51
CA VAL A 73 13.58 -34.14 -9.21
C VAL A 73 13.60 -34.90 -10.53
N LYS A 74 14.33 -36.01 -10.56
CA LYS A 74 14.52 -36.79 -11.77
C LYS A 74 14.38 -38.28 -11.48
N GLY A 75 13.74 -38.96 -12.41
CA GLY A 75 13.59 -40.40 -12.32
C GLY A 75 12.66 -40.94 -13.37
N TYR A 76 12.14 -42.13 -13.13
CA TYR A 76 11.26 -42.79 -14.07
C TYR A 76 10.17 -43.59 -13.35
N ILE A 77 9.14 -43.98 -14.11
CA ILE A 77 8.05 -44.85 -13.67
C ILE A 77 8.14 -46.02 -14.61
N GLU A 78 8.26 -47.20 -14.04
CA GLU A 78 8.35 -48.42 -14.82
C GLU A 78 7.14 -49.31 -14.53
N MET A 79 6.67 -50.03 -15.56
CA MET A 79 5.50 -50.91 -15.43
C MET A 79 5.49 -51.98 -16.51
N MET A 80 4.73 -53.07 -16.30
CA MET A 80 4.64 -54.13 -17.31
C MET A 80 3.60 -53.76 -18.36
N GLY A 81 4.05 -53.67 -19.61
CA GLY A 81 3.25 -53.29 -20.79
C GLY A 81 2.40 -54.38 -21.41
N ASN A 82 2.02 -55.43 -20.60
CA ASN A 82 1.16 -56.59 -20.97
C ASN A 82 1.71 -57.46 -22.11
N ASP A 83 2.73 -56.98 -22.84
CA ASP A 83 3.34 -57.62 -24.00
C ASP A 83 4.74 -58.17 -23.69
N GLY A 84 4.95 -58.57 -22.43
CA GLY A 84 6.23 -59.10 -21.93
C GLY A 84 7.31 -58.04 -21.89
N VAL A 85 6.97 -56.84 -22.40
CA VAL A 85 7.83 -55.67 -22.49
C VAL A 85 7.47 -54.65 -21.41
N LYS A 86 8.49 -54.25 -20.64
CA LYS A 86 8.42 -53.27 -19.58
C LYS A 86 8.41 -51.89 -20.23
N ILE A 87 7.51 -51.01 -19.78
CA ILE A 87 7.41 -49.67 -20.36
C ILE A 87 7.91 -48.62 -19.35
N ARG A 88 8.63 -47.63 -19.85
CA ARG A 88 9.24 -46.61 -19.04
C ARG A 88 8.85 -45.21 -19.43
N ARG A 89 8.48 -44.43 -18.41
CA ARG A 89 8.23 -43.02 -18.62
C ARG A 89 9.08 -42.24 -17.66
N ASP A 90 10.02 -41.49 -18.22
CA ASP A 90 10.94 -40.65 -17.47
C ASP A 90 10.27 -39.31 -17.17
N PHE A 91 10.64 -38.71 -16.03
CA PHE A 91 10.19 -37.39 -15.57
C PHE A 91 11.41 -36.58 -15.09
N GLU A 92 11.36 -35.26 -15.28
CA GLU A 92 12.41 -34.32 -14.93
C GLU A 92 11.74 -33.01 -14.55
N SER A 93 11.74 -32.72 -13.27
CA SER A 93 11.19 -31.50 -12.68
C SER A 93 12.25 -30.95 -11.71
N GLU A 94 11.95 -29.83 -11.02
CA GLU A 94 12.87 -29.22 -10.07
C GLU A 94 12.16 -28.40 -9.04
N TYR A 95 12.78 -28.23 -7.87
CA TYR A 95 12.29 -27.34 -6.83
C TYR A 95 13.41 -26.40 -6.40
N PHE A 96 13.04 -25.34 -5.68
CA PHE A 96 13.96 -24.32 -5.21
C PHE A 96 13.87 -24.17 -3.72
N VAL A 97 15.02 -24.17 -3.03
CA VAL A 97 15.08 -23.96 -1.59
C VAL A 97 15.50 -22.50 -1.40
N THR A 98 14.75 -21.76 -0.55
CA THR A 98 15.06 -20.35 -0.26
C THR A 98 15.50 -20.16 1.18
N GLU A 99 16.25 -19.06 1.46
CA GLU A 99 16.70 -18.68 2.80
C GLU A 99 15.43 -18.38 3.57
N PRO A 100 15.21 -18.94 4.78
CA PRO A 100 13.93 -18.70 5.45
C PRO A 100 13.70 -17.23 5.81
N MET A 101 12.58 -16.74 5.30
CA MET A 101 12.12 -15.37 5.38
C MET A 101 10.71 -15.20 5.97
N ALA A 102 10.37 -13.93 6.25
CA ALA A 102 9.08 -13.46 6.70
C ALA A 102 8.90 -12.12 6.06
N SER A 103 7.67 -11.81 5.63
CA SER A 103 7.31 -10.52 5.03
C SER A 103 6.61 -9.69 6.09
N VAL A 104 7.16 -8.50 6.38
CA VAL A 104 6.62 -7.57 7.36
C VAL A 104 6.18 -6.33 6.58
N ALA A 105 4.90 -6.25 6.25
CA ALA A 105 4.35 -5.14 5.48
C ALA A 105 3.26 -4.35 6.21
N PRO A 106 3.49 -3.08 6.61
CA PRO A 106 2.37 -2.27 7.17
C PRO A 106 1.31 -2.06 6.06
N THR A 107 0.09 -2.56 6.28
CA THR A 107 -0.96 -2.63 5.26
C THR A 107 -1.51 -1.24 4.88
N MET A 108 -1.57 -0.28 5.79
CA MET A 108 -2.11 1.05 5.47
C MET A 108 -1.18 1.82 4.53
N MET A 109 0.13 1.59 4.68
CA MET A 109 1.16 2.28 3.94
C MET A 109 1.39 1.62 2.61
N ASN A 110 0.56 1.98 1.62
CA ASN A 110 0.60 1.47 0.24
C ASN A 110 0.43 2.60 -0.82
N VAL A 111 1.19 3.71 -0.68
CA VAL A 111 1.07 4.84 -1.61
C VAL A 111 2.32 5.05 -2.47
N LEU A 112 2.07 5.38 -3.72
CA LEU A 112 3.06 5.76 -4.70
C LEU A 112 2.72 7.19 -5.11
N TYR A 113 3.75 8.03 -5.29
CA TYR A 113 3.53 9.42 -5.64
C TYR A 113 3.84 9.73 -7.06
N ALA A 114 2.90 10.33 -7.77
CA ALA A 114 3.13 10.71 -9.16
C ALA A 114 4.00 11.97 -9.22
N GLY A 115 4.96 11.95 -10.14
CA GLY A 115 5.88 13.04 -10.38
C GLY A 115 7.29 12.84 -9.86
N ILE A 116 7.50 11.77 -9.07
CA ILE A 116 8.80 11.46 -8.49
C ILE A 116 9.14 9.97 -8.60
N ASP A 117 10.40 9.62 -8.28
CA ASP A 117 10.94 8.27 -8.21
C ASP A 117 10.46 7.69 -6.90
N ASN A 118 9.76 6.54 -6.98
CA ASN A 118 9.26 5.83 -5.82
C ASN A 118 10.13 4.59 -5.59
N PRO A 119 11.20 4.67 -4.75
CA PRO A 119 12.03 3.49 -4.54
C PRO A 119 11.23 2.39 -3.85
N ILE A 120 11.20 1.21 -4.47
CA ILE A 120 10.50 0.03 -3.96
C ILE A 120 11.50 -1.09 -3.76
N ASN A 121 11.50 -1.70 -2.56
CA ASN A 121 12.39 -2.80 -2.29
C ASN A 121 11.64 -4.10 -2.56
N ILE A 122 11.99 -4.78 -3.67
CA ILE A 122 11.38 -6.04 -4.05
C ILE A 122 12.39 -7.12 -3.68
N ALA A 123 12.12 -7.76 -2.56
CA ALA A 123 12.99 -8.77 -1.98
C ALA A 123 12.42 -10.18 -1.99
N VAL A 124 13.10 -11.11 -2.67
CA VAL A 124 12.76 -12.54 -2.69
C VAL A 124 14.04 -13.18 -2.06
N PRO A 125 14.16 -13.19 -0.70
CA PRO A 125 15.44 -13.51 -0.03
C PRO A 125 16.37 -14.59 -0.59
N GLY A 126 15.84 -15.77 -0.93
CA GLY A 126 16.66 -16.86 -1.42
C GLY A 126 17.34 -16.64 -2.76
N VAL A 127 16.57 -16.14 -3.76
CA VAL A 127 17.03 -15.90 -5.14
C VAL A 127 17.89 -14.63 -5.28
N ALA A 128 18.50 -14.46 -6.46
CA ALA A 128 19.33 -13.33 -6.86
C ALA A 128 18.50 -12.38 -7.74
N GLN A 129 18.84 -11.08 -7.73
CA GLN A 129 18.17 -9.99 -8.44
C GLN A 129 17.88 -10.26 -9.93
N GLN A 130 18.81 -10.93 -10.66
CA GLN A 130 18.62 -11.28 -12.08
C GLN A 130 17.35 -12.12 -12.26
N ASN A 131 17.17 -13.12 -11.38
CA ASN A 131 16.04 -14.06 -11.36
C ASN A 131 14.66 -13.38 -11.24
N VAL A 132 14.56 -12.36 -10.38
CA VAL A 132 13.33 -11.62 -10.16
C VAL A 132 13.11 -10.49 -11.18
N SER A 133 11.87 -10.41 -11.75
CA SER A 133 11.45 -9.42 -12.75
C SER A 133 10.02 -8.94 -12.49
N ALA A 134 9.92 -7.73 -11.97
CA ALA A 134 8.66 -7.11 -11.59
C ALA A 134 8.14 -6.13 -12.63
N THR A 135 6.81 -6.08 -12.78
CA THR A 135 6.10 -5.17 -13.69
C THR A 135 5.03 -4.42 -12.91
N ILE A 136 4.58 -3.27 -13.46
CA ILE A 136 3.55 -2.38 -12.91
C ILE A 136 2.51 -2.08 -13.98
N ASN A 137 1.24 -1.90 -13.57
CA ASN A 137 0.16 -1.62 -14.51
C ASN A 137 -0.12 -0.12 -14.68
N ASN A 138 0.42 0.71 -13.78
CA ASN A 138 0.28 2.17 -13.77
C ASN A 138 1.70 2.76 -13.77
N GLY A 139 2.04 3.39 -14.88
CA GLY A 139 3.35 4.01 -15.05
C GLY A 139 4.43 3.01 -15.41
N THR A 140 5.66 3.28 -14.94
CA THR A 140 6.89 2.49 -15.20
C THR A 140 7.48 1.95 -13.94
N LEU A 141 8.14 0.80 -14.02
CA LEU A 141 8.84 0.18 -12.90
C LEU A 141 10.17 -0.33 -13.46
N THR A 142 11.24 0.46 -13.26
CA THR A 142 12.59 0.13 -13.76
C THR A 142 13.51 -0.25 -12.60
N ARG A 143 14.66 -0.85 -12.91
CA ARG A 143 15.67 -1.23 -11.92
C ARG A 143 16.66 -0.12 -11.71
N ARG A 144 17.12 0.05 -10.46
CA ARG A 144 18.18 1.01 -10.10
C ARG A 144 19.03 0.41 -8.97
N GLY A 145 20.15 -0.19 -9.36
CA GLY A 145 21.02 -0.88 -8.42
C GLY A 145 20.29 -2.06 -7.82
N ASN A 146 20.28 -2.12 -6.49
CA ASN A 146 19.62 -3.18 -5.72
C ASN A 146 18.16 -2.87 -5.43
N LEU A 147 17.61 -1.85 -6.09
CA LEU A 147 16.24 -1.39 -5.88
C LEU A 147 15.46 -1.26 -7.21
N TRP A 148 14.16 -0.93 -7.09
CA TRP A 148 13.27 -0.69 -8.22
C TRP A 148 12.69 0.72 -8.10
N ILE A 149 12.30 1.32 -9.24
CA ILE A 149 11.78 2.68 -9.30
C ILE A 149 10.44 2.72 -9.98
N ALA A 150 9.39 3.04 -9.22
CA ALA A 150 8.06 3.16 -9.81
C ALA A 150 7.80 4.62 -10.09
N ARG A 151 7.27 4.92 -11.28
CA ARG A 151 6.89 6.28 -11.66
C ARG A 151 5.45 6.13 -12.08
N PRO A 152 4.48 6.23 -11.13
CA PRO A 152 3.07 6.06 -11.50
C PRO A 152 2.56 7.28 -12.27
N THR A 153 1.62 7.06 -13.21
CA THR A 153 1.11 8.15 -14.04
C THR A 153 -0.33 8.54 -13.74
N LYS A 154 -1.20 7.60 -13.32
CA LYS A 154 -2.61 7.95 -13.10
C LYS A 154 -2.95 8.08 -11.63
N VAL A 155 -3.13 9.34 -11.18
CA VAL A 155 -3.47 9.68 -9.78
C VAL A 155 -4.93 9.31 -9.49
N GLY A 156 -5.14 8.69 -8.33
CA GLY A 156 -6.45 8.24 -7.90
C GLY A 156 -6.77 6.82 -8.31
N SER A 157 -5.90 6.20 -9.13
CA SER A 157 -6.07 4.84 -9.59
C SER A 157 -5.10 3.89 -8.90
N GLU A 158 -5.29 2.60 -9.12
CA GLU A 158 -4.50 1.53 -8.53
C GLU A 158 -3.20 1.29 -9.27
N ALA A 159 -2.19 0.81 -8.56
CA ALA A 159 -0.89 0.39 -9.11
C ALA A 159 -0.66 -1.03 -8.64
N ILE A 160 -0.69 -1.98 -9.57
CA ILE A 160 -0.45 -3.37 -9.22
C ILE A 160 0.95 -3.78 -9.68
N ILE A 161 1.80 -4.11 -8.68
CA ILE A 161 3.15 -4.60 -8.93
C ILE A 161 3.09 -6.14 -8.95
N SER A 162 3.54 -6.72 -10.05
CA SER A 162 3.60 -8.15 -10.23
C SER A 162 5.07 -8.56 -10.25
N VAL A 163 5.46 -9.42 -9.30
CA VAL A 163 6.81 -9.93 -9.15
C VAL A 163 6.83 -11.38 -9.57
N THR A 164 7.73 -11.74 -10.50
CA THR A 164 7.86 -13.12 -11.00
C THR A 164 9.29 -13.64 -10.91
N ALA A 165 9.45 -14.98 -10.91
CA ALA A 165 10.74 -15.69 -10.87
C ALA A 165 11.04 -16.42 -12.18
N GLN A 166 9.98 -16.58 -13.05
CA GLN A 166 10.02 -17.23 -14.37
C GLN A 166 10.59 -18.66 -14.22
N SER A 167 11.84 -18.90 -14.70
CA SER A 167 12.59 -20.16 -14.58
C SER A 167 11.96 -21.35 -15.33
N GLY A 168 12.60 -22.52 -15.18
CA GLY A 168 12.16 -23.77 -15.77
C GLY A 168 11.30 -24.57 -14.80
N GLY A 169 10.19 -25.12 -15.27
CA GLY A 169 9.69 -24.96 -16.64
C GLY A 169 8.68 -23.83 -16.67
N ARG A 170 7.75 -23.85 -15.68
CA ARG A 170 6.65 -22.89 -15.50
C ARG A 170 7.14 -21.57 -14.94
N THR A 171 6.38 -20.49 -15.22
CA THR A 171 6.61 -19.11 -14.73
C THR A 171 5.81 -18.92 -13.43
N ILE A 172 6.53 -18.77 -12.30
CA ILE A 172 5.91 -18.66 -10.97
C ILE A 172 5.77 -17.20 -10.51
N GLN A 173 4.52 -16.84 -10.15
CA GLN A 173 4.14 -15.54 -9.63
C GLN A 173 4.53 -15.53 -8.16
N MET A 174 5.37 -14.56 -7.81
CA MET A 174 5.92 -14.41 -6.47
C MET A 174 5.06 -13.53 -5.56
N ALA A 175 4.53 -12.41 -6.09
CA ALA A 175 3.69 -11.47 -5.36
C ALA A 175 2.91 -10.54 -6.29
N LYS A 176 1.68 -10.22 -5.89
CA LYS A 176 0.82 -9.27 -6.55
C LYS A 176 0.54 -8.25 -5.44
N THR A 177 1.06 -7.02 -5.59
CA THR A 177 0.93 -5.97 -4.59
C THR A 177 0.07 -4.81 -5.13
N THR A 178 -0.98 -4.47 -4.34
CA THR A 178 -1.95 -3.42 -4.61
C THR A 178 -1.46 -2.16 -3.93
N LEU A 179 -1.33 -1.09 -4.73
CA LEU A 179 -0.88 0.22 -4.27
C LEU A 179 -1.81 1.33 -4.76
N ARG A 180 -1.78 2.48 -4.08
CA ARG A 180 -2.62 3.63 -4.46
C ARG A 180 -1.74 4.76 -4.96
N VAL A 181 -2.09 5.30 -6.12
CA VAL A 181 -1.34 6.39 -6.71
C VAL A 181 -2.00 7.66 -6.22
N ARG A 182 -1.24 8.50 -5.55
CA ARG A 182 -1.70 9.78 -5.06
C ARG A 182 -0.73 10.89 -5.48
N ALA A 183 -1.24 12.12 -5.55
CA ALA A 183 -0.42 13.29 -5.87
C ALA A 183 0.49 13.61 -4.67
N LEU A 184 1.60 14.32 -4.93
CA LEU A 184 2.51 14.67 -3.85
C LEU A 184 1.81 15.63 -2.89
N PRO A 185 2.12 15.55 -1.57
CA PRO A 185 1.45 16.45 -0.61
C PRO A 185 1.76 17.92 -0.85
N ASP A 186 0.86 18.79 -0.37
CA ASP A 186 1.02 20.22 -0.53
C ASP A 186 1.95 20.72 0.58
N PRO A 187 2.93 21.62 0.28
CA PRO A 187 3.80 22.14 1.35
C PRO A 187 3.09 23.23 2.17
N LEU A 188 3.67 23.63 3.29
CA LEU A 188 3.15 24.71 4.13
C LEU A 188 4.06 25.93 3.95
N PRO A 189 3.55 27.18 3.92
CA PRO A 189 4.47 28.32 3.76
C PRO A 189 5.16 28.68 5.06
N TYR A 190 6.27 29.40 4.92
CA TYR A 190 7.09 29.90 6.00
C TYR A 190 7.97 31.08 5.56
N ILE A 191 8.47 31.84 6.54
CA ILE A 191 9.40 32.95 6.38
C ILE A 191 10.63 32.54 7.20
N GLU A 192 11.76 32.39 6.51
CA GLU A 192 13.01 31.97 7.11
C GLU A 192 13.69 33.15 7.77
N TYR A 193 13.98 33.06 9.07
CA TYR A 193 14.63 34.14 9.78
C TYR A 193 15.75 33.65 10.71
N LYS A 194 16.73 34.53 10.96
CA LYS A 194 17.85 34.27 11.87
C LYS A 194 17.57 35.03 13.18
N ASP A 195 17.62 34.33 14.34
CA ASP A 195 17.40 34.94 15.67
C ASP A 195 18.56 35.89 16.09
N VAL A 196 18.54 36.42 17.33
CA VAL A 196 19.57 37.36 17.85
C VAL A 196 20.99 36.72 17.91
N GLN A 197 21.07 35.35 17.99
CA GLN A 197 22.31 34.54 18.01
C GLN A 197 22.82 34.22 16.59
N GLY A 198 21.92 34.24 15.61
CA GLY A 198 22.19 33.96 14.21
C GLY A 198 21.57 32.67 13.70
N ASN A 199 20.99 31.85 14.61
CA ASN A 199 20.37 30.55 14.31
C ASN A 199 19.09 30.68 13.48
N THR A 200 18.97 29.82 12.44
CA THR A 200 17.83 29.81 11.52
C THR A 200 16.60 29.15 12.13
N LYS A 201 15.47 29.87 12.07
CA LYS A 201 14.15 29.44 12.56
C LYS A 201 13.11 29.73 11.47
N ARG A 202 11.98 28.99 11.48
CA ARG A 202 10.93 29.12 10.46
C ARG A 202 9.60 29.58 11.06
N PHE A 203 9.20 30.80 10.72
CA PHE A 203 7.97 31.44 11.18
C PHE A 203 6.82 30.93 10.33
N LYS A 204 5.72 30.48 10.96
CA LYS A 204 4.55 29.91 10.27
C LYS A 204 3.28 30.75 10.54
N GLY A 205 3.44 31.82 11.29
CA GLY A 205 2.35 32.71 11.69
C GLY A 205 2.57 33.21 13.08
N GLY A 206 1.65 34.04 13.55
CA GLY A 206 1.79 34.62 14.87
C GLY A 206 2.58 35.90 14.82
N ARG A 207 3.37 36.15 15.88
CA ARG A 207 4.14 37.39 16.08
C ARG A 207 5.62 37.28 15.65
N LEU A 208 6.16 38.36 15.03
CA LEU A 208 7.55 38.44 14.54
C LEU A 208 8.07 39.89 14.45
N GLY A 209 9.37 40.06 14.71
CA GLY A 209 10.06 41.34 14.64
C GLY A 209 10.09 41.93 13.25
N LYS A 210 10.23 43.27 13.18
CA LYS A 210 10.24 44.06 11.94
C LYS A 210 11.45 43.79 11.01
N ARG A 211 12.70 43.92 11.53
CA ARG A 211 13.98 43.70 10.82
C ARG A 211 14.13 42.25 10.39
N GLU A 212 13.59 41.34 11.24
CA GLU A 212 13.56 39.89 11.07
C GLU A 212 12.57 39.48 9.96
N ILE A 213 11.57 40.36 9.63
CA ILE A 213 10.64 40.13 8.51
C ILE A 213 11.42 40.44 7.21
N LEU A 214 12.11 41.61 7.16
CA LEU A 214 12.91 42.12 6.03
C LEU A 214 13.95 41.13 5.53
N ALA A 215 14.46 40.27 6.45
CA ALA A 215 15.43 39.21 6.17
C ALA A 215 14.90 37.83 6.66
N ALA A 216 14.70 36.80 5.80
CA ALA A 216 15.03 36.71 4.37
C ALA A 216 14.06 37.45 3.39
N GLY A 217 14.41 37.35 2.10
CA GLY A 217 13.76 37.96 0.95
C GLY A 217 12.25 37.99 0.89
N GLY A 218 11.62 36.82 0.95
CA GLY A 218 10.17 36.69 0.88
C GLY A 218 9.63 35.48 1.61
N ILE A 219 8.83 34.67 0.92
CA ILE A 219 8.21 33.48 1.49
C ILE A 219 8.78 32.21 0.88
N LYS A 220 8.93 31.17 1.70
CA LYS A 220 9.46 29.87 1.30
C LYS A 220 8.42 28.78 1.63
N ALA A 221 8.40 27.68 0.87
CA ALA A 221 7.45 26.59 1.08
C ALA A 221 8.15 25.27 1.21
N ALA A 222 7.74 24.50 2.21
CA ALA A 222 8.31 23.20 2.49
C ALA A 222 7.36 22.32 3.27
N LEU A 223 7.61 21.04 3.07
CA LEU A 223 6.97 19.87 3.62
C LEU A 223 7.99 19.32 4.61
N ASP A 224 7.54 18.83 5.74
CA ASP A 224 8.46 18.25 6.69
C ASP A 224 8.30 16.75 6.67
N ASP A 225 9.22 16.07 5.97
CA ASP A 225 9.22 14.63 5.75
C ASP A 225 10.65 14.16 5.41
N ASP A 226 11.25 13.24 6.22
CA ASP A 226 12.61 12.71 6.01
C ASP A 226 12.68 11.45 5.07
N LEU A 227 11.52 10.93 4.62
CA LEU A 227 11.42 9.83 3.65
C LEU A 227 11.24 10.50 2.26
N LEU A 228 10.23 11.43 2.16
CA LEU A 228 9.96 12.27 1.00
C LEU A 228 10.92 13.44 1.08
N GLU A 229 12.15 13.25 0.62
CA GLU A 229 13.11 14.34 0.70
C GLU A 229 12.93 15.22 -0.54
N VAL A 230 11.78 15.86 -0.65
CA VAL A 230 11.41 16.71 -1.80
C VAL A 230 11.44 18.19 -1.45
N ASN A 231 11.66 19.04 -2.44
CA ASN A 231 11.69 20.48 -2.26
C ASN A 231 10.66 21.20 -3.10
N TYR A 232 10.12 22.28 -2.55
CA TYR A 232 9.14 23.11 -3.23
C TYR A 232 9.65 24.56 -3.31
N THR A 233 9.25 25.28 -4.37
CA THR A 233 9.61 26.69 -4.55
C THR A 233 8.33 27.51 -4.58
N VAL A 234 8.39 28.74 -4.05
CA VAL A 234 7.23 29.65 -4.07
C VAL A 234 7.19 30.33 -5.44
N VAL A 235 6.13 30.06 -6.20
CA VAL A 235 5.95 30.63 -7.54
C VAL A 235 5.61 32.11 -7.40
N LYS A 236 4.45 32.41 -6.78
CA LYS A 236 3.95 33.76 -6.54
C LYS A 236 3.11 33.80 -5.26
N PHE A 237 2.94 35.01 -4.70
CA PHE A 237 2.13 35.28 -3.51
C PHE A 237 1.59 36.73 -3.50
N GLN A 238 0.64 36.99 -2.58
CA GLN A 238 0.06 38.31 -2.35
C GLN A 238 0.18 38.67 -0.89
N LEU A 239 0.26 39.97 -0.57
CA LEU A 239 0.27 40.44 0.82
C LEU A 239 -0.95 41.33 1.00
N VAL A 240 -1.91 40.92 1.85
CA VAL A 240 -3.14 41.68 2.04
C VAL A 240 -3.04 42.57 3.30
N PHE A 241 -2.81 43.88 3.07
CA PHE A 241 -2.68 44.90 4.10
C PHE A 241 -4.01 45.57 4.38
N TYR A 242 -4.10 46.29 5.51
CA TYR A 242 -5.28 47.04 5.94
C TYR A 242 -4.94 48.49 6.36
N ASP A 243 -5.60 49.47 5.70
CA ASP A 243 -5.40 50.90 5.96
C ASP A 243 -6.14 51.38 7.23
N SER A 244 -6.24 52.71 7.40
CA SER A 244 -6.92 53.40 8.51
C SER A 244 -8.45 53.45 8.30
N MET A 245 -8.91 53.24 7.05
CA MET A 245 -10.32 53.24 6.67
C MET A 245 -10.96 51.83 6.68
N GLY A 246 -10.16 50.83 7.09
CA GLY A 246 -10.56 49.42 7.17
C GLY A 246 -10.72 48.72 5.83
N ASN A 247 -10.04 49.24 4.78
CA ASN A 247 -10.06 48.68 3.42
C ASN A 247 -8.93 47.69 3.21
N SER A 248 -9.19 46.64 2.42
CA SER A 248 -8.17 45.62 2.11
C SER A 248 -7.32 46.06 0.93
N ILE A 249 -5.98 46.01 1.09
CA ILE A 249 -5.04 46.39 0.02
C ILE A 249 -4.22 45.17 -0.42
N PRO A 250 -4.62 44.45 -1.50
CA PRO A 250 -3.84 43.29 -1.94
C PRO A 250 -2.67 43.65 -2.89
N GLU A 251 -1.43 43.54 -2.39
CA GLU A 251 -0.22 43.84 -3.16
C GLU A 251 0.46 42.55 -3.63
N VAL A 252 0.71 42.46 -4.93
CA VAL A 252 1.34 41.31 -5.57
C VAL A 252 2.87 41.35 -5.32
N SER A 253 3.53 40.18 -5.38
CA SER A 253 4.96 40.01 -5.15
C SER A 253 5.77 39.78 -6.44
N ASP A 254 7.13 39.94 -6.34
CA ASP A 254 8.07 39.65 -7.41
C ASP A 254 8.63 38.21 -7.19
N GLY A 255 7.80 37.23 -7.56
CA GLY A 255 8.10 35.82 -7.41
C GLY A 255 8.05 35.35 -5.97
N ALA A 256 9.15 34.72 -5.49
CA ALA A 256 9.33 34.20 -4.12
C ALA A 256 9.94 35.27 -3.21
N SER A 257 10.08 36.50 -3.73
CA SER A 257 10.64 37.66 -3.04
C SER A 257 9.59 38.75 -2.92
N PHE A 258 9.69 39.57 -1.86
CA PHE A 258 8.79 40.70 -1.63
C PHE A 258 9.00 41.80 -2.68
N SER A 259 7.90 42.40 -3.14
CA SER A 259 7.99 43.51 -4.10
C SER A 259 8.40 44.79 -3.35
N GLU A 260 8.93 45.79 -4.06
CA GLU A 260 9.36 47.06 -3.47
C GLU A 260 8.18 47.81 -2.84
N ARG A 261 6.97 47.53 -3.36
CA ARG A 261 5.68 48.05 -2.89
C ARG A 261 5.34 47.43 -1.54
N GLN A 262 5.46 46.10 -1.44
CA GLN A 262 5.22 45.31 -0.22
C GLN A 262 6.25 45.66 0.86
N LYS A 263 7.56 45.69 0.47
CA LYS A 263 8.71 45.99 1.35
C LYS A 263 8.50 47.30 2.14
N ARG A 264 8.16 48.40 1.42
CA ARG A 264 7.91 49.70 2.02
C ARG A 264 6.62 49.72 2.86
N GLN A 265 5.59 48.96 2.44
CA GLN A 265 4.32 48.86 3.17
C GLN A 265 4.54 48.22 4.55
N ILE A 266 5.44 47.21 4.64
CA ILE A 266 5.81 46.53 5.88
C ILE A 266 6.58 47.53 6.79
N GLN A 267 7.38 48.44 6.19
CA GLN A 267 8.21 49.43 6.87
C GLN A 267 7.40 50.45 7.67
N ASN A 268 6.25 50.90 7.12
CA ASN A 268 5.38 51.88 7.78
C ASN A 268 4.31 51.25 8.72
N LEU A 269 4.40 49.93 8.95
CA LEU A 269 3.49 49.23 9.86
C LEU A 269 4.00 49.35 11.29
N GLY A 270 3.14 49.84 12.18
CA GLY A 270 3.44 50.00 13.58
C GLY A 270 3.32 48.69 14.33
N LYS A 271 3.75 48.68 15.60
CA LYS A 271 3.73 47.48 16.44
C LYS A 271 2.29 47.03 16.68
N GLY A 272 2.04 45.76 16.42
CA GLY A 272 0.72 45.19 16.62
C GLY A 272 -0.13 45.09 15.37
N LYS A 273 0.19 45.89 14.32
CA LYS A 273 -0.51 45.88 13.03
C LYS A 273 -0.39 44.52 12.32
N ARG A 274 -1.50 44.03 11.73
CA ARG A 274 -1.56 42.74 11.05
C ARG A 274 -1.66 42.84 9.53
N PHE A 275 -0.87 41.97 8.84
CA PHE A 275 -0.88 41.79 7.38
C PHE A 275 -0.87 40.28 7.06
N TYR A 276 -1.32 39.90 5.86
CA TYR A 276 -1.43 38.48 5.48
C TYR A 276 -0.65 38.09 4.23
N VAL A 277 -0.48 36.77 4.02
CA VAL A 277 0.22 36.20 2.88
C VAL A 277 -0.79 35.25 2.21
N THR A 278 -1.65 35.78 1.33
CA THR A 278 -2.69 34.99 0.63
C THR A 278 -3.18 35.66 -0.66
N GLU A 279 -3.18 34.93 -1.81
CA GLU A 279 -2.79 33.54 -2.04
C GLU A 279 -1.28 33.31 -2.00
N VAL A 280 -0.86 32.02 -2.03
CA VAL A 280 0.53 31.55 -2.04
C VAL A 280 0.54 30.33 -2.93
N ILE A 281 1.17 30.46 -4.09
CA ILE A 281 1.23 29.36 -5.06
C ILE A 281 2.64 28.77 -5.05
N ALA A 282 2.73 27.45 -4.86
CA ALA A 282 4.02 26.75 -4.83
C ALA A 282 4.03 25.51 -5.71
N ARG A 283 5.20 25.21 -6.31
CA ARG A 283 5.37 24.02 -7.15
C ARG A 283 6.53 23.14 -6.65
N GLY A 284 6.40 21.82 -6.82
CA GLY A 284 7.42 20.87 -6.37
C GLY A 284 8.10 20.09 -7.47
N PRO A 285 8.64 18.87 -7.20
CA PRO A 285 9.28 18.10 -8.27
C PRO A 285 8.27 17.46 -9.23
N ASP A 286 6.97 17.68 -8.96
CA ASP A 286 5.77 17.23 -9.65
C ASP A 286 5.77 17.46 -11.21
N GLY A 287 5.96 18.68 -11.73
CA GLY A 287 6.09 19.96 -11.07
C GLY A 287 4.80 20.69 -11.28
N ILE A 288 3.95 20.69 -10.27
CA ILE A 288 2.60 21.21 -10.28
C ILE A 288 2.43 22.41 -9.36
N GLU A 289 1.83 23.49 -9.87
CA GLU A 289 1.55 24.69 -9.09
C GLU A 289 0.34 24.41 -8.20
N ARG A 290 0.40 24.79 -6.92
CA ARG A 290 -0.70 24.51 -5.98
C ARG A 290 -0.92 25.63 -4.96
N LYS A 291 -2.20 25.92 -4.67
CA LYS A 291 -2.60 26.94 -3.70
C LYS A 291 -2.40 26.37 -2.30
N ILE A 292 -1.44 26.92 -1.56
CA ILE A 292 -1.11 26.46 -0.20
C ILE A 292 -1.68 27.46 0.84
N PRO A 293 -1.83 27.10 2.16
CA PRO A 293 -2.49 28.00 3.11
C PRO A 293 -1.85 29.37 3.35
N ALA A 294 -2.55 30.22 4.13
CA ALA A 294 -2.16 31.58 4.44
C ALA A 294 -1.47 31.74 5.80
N ILE A 295 -0.74 32.87 5.96
CA ILE A 295 -0.02 33.21 7.18
C ILE A 295 -0.46 34.57 7.69
N GLU A 296 -0.72 34.65 9.00
CA GLU A 296 -1.06 35.89 9.69
C GLU A 296 0.26 36.45 10.23
N VAL A 297 0.60 37.68 9.78
CA VAL A 297 1.84 38.32 10.22
C VAL A 297 1.53 39.52 11.08
N ILE A 298 1.95 39.46 12.36
CA ILE A 298 1.78 40.54 13.33
C ILE A 298 3.18 41.14 13.62
N VAL A 299 3.28 42.48 13.61
CA VAL A 299 4.55 43.19 13.86
C VAL A 299 4.82 43.30 15.38
N ASN A 300 6.07 43.09 15.84
CA ASN A 300 6.39 43.25 17.25
C ASN A 300 7.08 44.58 17.57
N ARG B 8 -8.38 -48.43 -25.10
CA ARG B 8 -8.63 -47.12 -25.72
C ARG B 8 -7.46 -46.12 -25.61
N VAL B 9 -6.60 -46.23 -24.54
CA VAL B 9 -5.44 -45.36 -24.25
C VAL B 9 -4.42 -45.31 -25.39
N ASN B 10 -3.90 -44.10 -25.65
CA ASN B 10 -2.90 -43.85 -26.68
C ASN B 10 -1.75 -43.04 -26.12
N SER B 11 -1.91 -42.52 -24.87
CA SER B 11 -0.93 -41.66 -24.22
C SER B 11 -0.62 -41.97 -22.73
N ILE B 12 0.58 -42.57 -22.46
CA ILE B 12 1.05 -42.80 -21.09
C ILE B 12 2.10 -41.76 -20.79
N THR B 13 1.95 -41.04 -19.67
CA THR B 13 2.88 -39.99 -19.27
C THR B 13 3.15 -40.01 -17.77
N ALA B 14 4.41 -39.79 -17.36
CA ALA B 14 4.82 -39.66 -15.96
C ALA B 14 4.70 -38.18 -15.59
N GLN B 15 4.20 -37.88 -14.38
CA GLN B 15 4.05 -36.48 -13.94
C GLN B 15 4.54 -36.25 -12.53
N VAL B 16 5.27 -35.15 -12.29
CA VAL B 16 5.75 -34.73 -10.96
C VAL B 16 4.83 -33.59 -10.51
N ILE B 17 3.90 -33.85 -9.58
CA ILE B 17 2.97 -32.85 -9.08
C ILE B 17 3.36 -32.36 -7.67
N PRO B 18 4.08 -31.24 -7.56
CA PRO B 18 4.48 -30.78 -6.22
C PRO B 18 3.39 -30.06 -5.48
N GLN B 19 3.61 -29.96 -4.19
CA GLN B 19 2.76 -29.26 -3.27
C GLN B 19 3.15 -27.80 -3.54
N SER B 20 4.48 -27.50 -3.59
CA SER B 20 5.06 -26.19 -3.92
C SER B 20 6.41 -26.40 -4.61
N GLN B 21 6.70 -25.59 -5.64
CA GLN B 21 7.96 -25.67 -6.40
C GLN B 21 9.06 -24.90 -5.65
N ILE B 22 8.66 -24.02 -4.68
CA ILE B 22 9.56 -23.24 -3.84
C ILE B 22 9.30 -23.62 -2.38
N VAL B 23 10.33 -24.13 -1.69
CA VAL B 23 10.26 -24.50 -0.28
C VAL B 23 11.28 -23.74 0.52
N MET B 24 10.89 -23.34 1.72
CA MET B 24 11.74 -22.65 2.67
C MET B 24 12.69 -23.66 3.29
N SER B 25 13.97 -23.29 3.49
CA SER B 25 14.96 -24.14 4.13
C SER B 25 14.41 -24.62 5.47
N GLY B 26 14.39 -25.94 5.65
CA GLY B 26 13.90 -26.59 6.87
C GLY B 26 12.54 -27.24 6.74
N ASP B 27 11.79 -26.81 5.71
CA ASP B 27 10.46 -27.33 5.35
C ASP B 27 10.73 -28.54 4.48
N THR B 28 9.69 -29.29 4.10
CA THR B 28 9.94 -30.44 3.23
C THR B 28 9.23 -30.28 1.90
N TYR B 29 9.96 -30.68 0.82
CA TYR B 29 9.43 -30.69 -0.54
C TYR B 29 8.58 -31.96 -0.65
N LYS B 30 7.32 -31.83 -1.08
CA LYS B 30 6.44 -32.98 -1.25
C LYS B 30 5.90 -32.98 -2.70
N ALA B 31 6.09 -34.08 -3.41
CA ALA B 31 5.63 -34.18 -4.79
C ALA B 31 5.00 -35.54 -5.06
N ASN B 32 3.81 -35.54 -5.68
CA ASN B 32 3.15 -36.79 -6.06
C ASN B 32 3.61 -37.17 -7.46
N ILE B 33 4.08 -38.39 -7.62
CA ILE B 33 4.56 -38.86 -8.92
C ILE B 33 3.56 -39.91 -9.44
N VAL B 34 2.87 -39.54 -10.54
CA VAL B 34 1.79 -40.35 -11.10
C VAL B 34 1.88 -40.64 -12.59
N LEU B 35 1.18 -41.72 -13.02
CA LEU B 35 1.06 -42.08 -14.41
C LEU B 35 -0.28 -41.62 -14.88
N SER B 36 -0.31 -41.12 -16.09
CA SER B 36 -1.56 -40.75 -16.72
C SER B 36 -1.64 -41.46 -18.07
N SER B 37 -2.49 -42.50 -18.11
CA SER B 37 -2.78 -43.27 -19.32
C SER B 37 -4.19 -42.83 -19.75
N VAL B 38 -4.24 -41.94 -20.78
CA VAL B 38 -5.44 -41.27 -21.27
C VAL B 38 -5.67 -41.47 -22.81
N ASP B 39 -6.86 -41.07 -23.32
CA ASP B 39 -7.23 -41.10 -24.72
C ASP B 39 -7.43 -39.65 -25.17
N THR B 40 -6.38 -39.04 -25.75
CA THR B 40 -6.40 -37.65 -26.24
C THR B 40 -7.47 -37.35 -27.30
N THR B 41 -8.12 -38.38 -27.87
CA THR B 41 -9.19 -38.26 -28.85
C THR B 41 -10.44 -37.74 -28.15
N GLN B 42 -10.65 -38.17 -26.88
CA GLN B 42 -11.84 -37.85 -26.10
C GLN B 42 -11.86 -36.40 -25.58
N ARG B 43 -13.11 -35.89 -25.33
CA ARG B 43 -13.45 -34.57 -24.78
C ARG B 43 -14.53 -34.84 -23.68
N PRO B 44 -14.14 -35.25 -22.45
CA PRO B 44 -15.16 -35.60 -21.47
C PRO B 44 -15.76 -34.41 -20.75
N ASP B 45 -17.00 -34.57 -20.27
CA ASP B 45 -17.71 -33.57 -19.50
C ASP B 45 -17.09 -33.54 -18.09
N VAL B 46 -16.64 -32.37 -17.70
CA VAL B 46 -16.02 -32.15 -16.41
C VAL B 46 -16.91 -31.17 -15.64
N PHE B 47 -17.49 -31.66 -14.58
CA PHE B 47 -18.29 -30.88 -13.66
C PHE B 47 -17.41 -30.68 -12.44
N VAL B 48 -17.02 -29.45 -12.17
CA VAL B 48 -16.13 -29.16 -11.06
C VAL B 48 -16.58 -27.92 -10.33
N ASN B 49 -16.66 -28.01 -8.99
CA ASN B 49 -17.05 -26.92 -8.10
C ASN B 49 -18.34 -26.24 -8.56
N GLY B 50 -19.36 -27.06 -8.80
CA GLY B 50 -20.70 -26.65 -9.19
C GLY B 50 -20.84 -26.05 -10.57
N LYS B 51 -19.86 -26.29 -11.43
CA LYS B 51 -19.88 -25.75 -12.78
C LYS B 51 -19.40 -26.76 -13.81
N LEU B 52 -20.05 -26.78 -14.95
CA LEU B 52 -19.62 -27.66 -16.03
C LEU B 52 -18.56 -26.86 -16.83
N LEU B 53 -17.34 -27.42 -17.00
CA LEU B 53 -16.30 -26.74 -17.76
C LEU B 53 -16.73 -26.63 -19.20
N SER B 54 -16.43 -25.48 -19.84
CA SER B 54 -16.78 -25.30 -21.23
C SER B 54 -15.79 -26.09 -22.05
N PRO B 55 -16.21 -26.68 -23.19
CA PRO B 55 -15.27 -27.51 -23.97
C PRO B 55 -13.95 -26.81 -24.31
N GLU B 56 -13.96 -25.47 -24.45
CA GLU B 56 -12.82 -24.60 -24.78
C GLU B 56 -11.68 -24.73 -23.77
N ASN B 57 -12.03 -25.00 -22.50
CA ASN B 57 -11.08 -25.20 -21.40
C ASN B 57 -10.25 -26.49 -21.58
N MET B 58 -10.70 -27.42 -22.45
CA MET B 58 -10.03 -28.67 -22.80
C MET B 58 -9.63 -29.52 -21.57
N GLY B 59 -10.51 -29.55 -20.57
CA GLY B 59 -10.31 -30.30 -19.34
C GLY B 59 -9.55 -29.56 -18.26
N LEU B 60 -9.00 -28.37 -18.60
CA LEU B 60 -8.23 -27.57 -17.66
C LEU B 60 -9.17 -26.71 -16.84
N PHE B 61 -9.08 -26.86 -15.51
CA PHE B 61 -9.87 -26.09 -14.57
C PHE B 61 -8.91 -25.10 -13.96
N THR B 62 -9.31 -23.82 -13.91
CA THR B 62 -8.49 -22.75 -13.36
C THR B 62 -9.31 -21.89 -12.42
N ALA B 63 -8.68 -21.44 -11.34
CA ALA B 63 -9.24 -20.57 -10.35
C ALA B 63 -8.15 -19.56 -9.89
N THR B 64 -8.46 -18.23 -9.92
CA THR B 64 -7.52 -17.20 -9.49
C THR B 64 -7.40 -17.27 -7.98
N ALA B 65 -6.16 -17.31 -7.48
CA ALA B 65 -5.88 -17.42 -6.06
C ALA B 65 -6.12 -16.06 -5.40
N GLY B 66 -7.08 -16.03 -4.45
CA GLY B 66 -7.41 -14.80 -3.75
C GLY B 66 -6.92 -14.80 -2.33
N ALA B 67 -7.84 -15.01 -1.38
CA ALA B 67 -7.49 -15.03 0.03
C ALA B 67 -6.82 -16.32 0.41
N PRO B 68 -5.76 -16.28 1.25
CA PRO B 68 -5.13 -17.55 1.69
C PRO B 68 -6.12 -18.49 2.41
N GLY B 69 -5.94 -19.81 2.21
CA GLY B 69 -6.77 -20.84 2.84
C GLY B 69 -6.77 -22.16 2.09
N THR B 70 -7.65 -23.10 2.52
CA THR B 70 -7.80 -24.43 1.91
C THR B 70 -9.03 -24.43 1.02
N TYR B 71 -8.83 -24.63 -0.29
CA TYR B 71 -9.86 -24.61 -1.31
C TYR B 71 -10.06 -26.01 -1.88
N PRO B 72 -11.30 -26.54 -1.94
CA PRO B 72 -11.49 -27.89 -2.47
C PRO B 72 -11.77 -27.90 -3.97
N VAL B 73 -11.38 -28.98 -4.61
CA VAL B 73 -11.62 -29.22 -6.02
C VAL B 73 -12.43 -30.53 -6.03
N LYS B 74 -13.74 -30.43 -6.26
CA LYS B 74 -14.65 -31.55 -6.19
C LYS B 74 -15.63 -31.55 -7.35
N GLY B 75 -15.87 -32.74 -7.89
CA GLY B 75 -16.79 -32.93 -9.00
C GLY B 75 -16.70 -34.31 -9.60
N TYR B 76 -17.03 -34.42 -10.89
CA TYR B 76 -16.96 -35.66 -11.64
C TYR B 76 -16.56 -35.44 -13.09
N ILE B 77 -16.13 -36.51 -13.77
CA ILE B 77 -15.81 -36.54 -15.20
C ILE B 77 -16.69 -37.59 -15.78
N GLU B 78 -17.20 -37.33 -16.96
CA GLU B 78 -18.02 -38.32 -17.63
C GLU B 78 -17.73 -38.29 -19.11
N MET B 79 -17.61 -39.45 -19.71
CA MET B 79 -17.36 -39.58 -21.14
C MET B 79 -18.18 -40.71 -21.71
N MET B 80 -18.41 -40.68 -23.03
CA MET B 80 -19.15 -41.74 -23.69
C MET B 80 -18.20 -42.89 -24.04
N GLY B 81 -18.43 -44.04 -23.45
CA GLY B 81 -17.64 -45.22 -23.80
C GLY B 81 -17.95 -45.61 -25.23
N ASN B 82 -17.05 -46.41 -25.83
CA ASN B 82 -17.17 -46.95 -27.19
C ASN B 82 -18.51 -47.73 -27.41
N ASP B 83 -19.02 -48.41 -26.33
CA ASP B 83 -20.26 -49.22 -26.31
C ASP B 83 -21.54 -48.40 -26.12
N GLY B 84 -21.40 -47.12 -25.81
CA GLY B 84 -22.54 -46.25 -25.60
C GLY B 84 -22.95 -46.14 -24.15
N VAL B 85 -22.17 -46.76 -23.25
CA VAL B 85 -22.30 -46.73 -21.79
C VAL B 85 -21.41 -45.57 -21.37
N LYS B 86 -21.99 -44.57 -20.69
CA LYS B 86 -21.28 -43.42 -20.15
C LYS B 86 -20.35 -43.93 -19.06
N ILE B 87 -19.10 -43.50 -19.05
CA ILE B 87 -18.18 -43.90 -17.99
C ILE B 87 -17.88 -42.64 -17.11
N ARG B 88 -18.43 -42.62 -15.86
CA ARG B 88 -18.32 -41.48 -14.91
C ARG B 88 -17.43 -41.80 -13.71
N ARG B 89 -16.57 -40.83 -13.32
CA ARG B 89 -15.63 -40.93 -12.19
C ARG B 89 -15.58 -39.63 -11.40
N ASP B 90 -15.87 -39.75 -10.11
CA ASP B 90 -15.92 -38.65 -9.15
C ASP B 90 -14.50 -38.40 -8.63
N PHE B 91 -14.20 -37.14 -8.34
CA PHE B 91 -12.92 -36.71 -7.78
C PHE B 91 -13.10 -35.76 -6.60
N GLU B 92 -12.11 -35.73 -5.73
CA GLU B 92 -12.06 -34.87 -4.57
C GLU B 92 -10.59 -34.62 -4.24
N SER B 93 -10.14 -33.42 -4.61
CA SER B 93 -8.79 -32.95 -4.37
C SER B 93 -8.91 -31.55 -3.73
N GLU B 94 -7.76 -30.91 -3.43
CA GLU B 94 -7.75 -29.58 -2.81
C GLU B 94 -6.47 -28.85 -3.09
N TYR B 95 -6.54 -27.51 -3.07
CA TYR B 95 -5.38 -26.67 -3.20
C TYR B 95 -5.34 -25.68 -2.04
N PHE B 96 -4.19 -25.05 -1.85
CA PHE B 96 -3.97 -24.11 -0.78
C PHE B 96 -3.48 -22.81 -1.34
N VAL B 97 -4.09 -21.70 -0.89
CA VAL B 97 -3.64 -20.37 -1.28
C VAL B 97 -2.80 -19.85 -0.09
N THR B 98 -1.58 -19.35 -0.38
CA THR B 98 -0.70 -18.81 0.64
C THR B 98 -0.45 -17.34 0.42
N GLU B 99 0.29 -16.74 1.36
CA GLU B 99 0.75 -15.37 1.32
C GLU B 99 1.97 -15.33 0.37
N PRO B 100 2.22 -14.20 -0.33
CA PRO B 100 3.37 -14.14 -1.25
C PRO B 100 4.72 -14.24 -0.58
N MET B 101 5.69 -14.95 -1.22
CA MET B 101 7.05 -15.08 -0.68
C MET B 101 8.03 -14.10 -1.38
N ALA B 102 7.57 -12.88 -1.55
CA ALA B 102 8.32 -11.77 -2.10
C ALA B 102 7.85 -10.54 -1.35
N SER B 103 8.79 -9.74 -0.88
CA SER B 103 8.51 -8.51 -0.19
C SER B 103 8.57 -7.36 -1.20
N VAL B 104 7.45 -6.63 -1.36
CA VAL B 104 7.36 -5.46 -2.23
C VAL B 104 7.12 -4.30 -1.30
N ALA B 105 8.19 -3.56 -0.96
CA ALA B 105 8.09 -2.46 0.01
C ALA B 105 8.51 -1.09 -0.49
N PRO B 106 7.55 -0.17 -0.79
CA PRO B 106 7.98 1.18 -1.18
C PRO B 106 8.64 1.80 0.05
N THR B 107 9.86 2.31 -0.12
CA THR B 107 10.63 2.85 1.01
C THR B 107 10.02 4.13 1.62
N MET B 108 9.36 4.97 0.84
CA MET B 108 8.65 6.16 1.33
C MET B 108 7.37 5.75 2.11
N MET B 109 7.13 4.43 2.21
CA MET B 109 6.00 3.90 2.96
C MET B 109 6.39 3.16 4.25
N ASN B 110 7.71 2.83 4.53
CA ASN B 110 8.09 2.13 5.78
C ASN B 110 8.04 3.08 6.97
N VAL B 111 6.82 3.28 7.50
CA VAL B 111 6.50 4.21 8.58
C VAL B 111 5.38 3.67 9.46
N LEU B 112 5.42 4.03 10.77
CA LEU B 112 4.43 3.70 11.81
C LEU B 112 4.01 4.99 12.51
N TYR B 113 2.73 5.15 12.81
CA TYR B 113 2.24 6.35 13.47
C TYR B 113 1.86 6.13 14.91
N ALA B 114 2.41 6.96 15.79
CA ALA B 114 2.07 6.90 17.20
C ALA B 114 0.65 7.44 17.46
N GLY B 115 -0.14 6.70 18.25
CA GLY B 115 -1.49 7.13 18.62
C GLY B 115 -2.61 6.35 17.96
N ILE B 116 -2.26 5.51 16.97
CA ILE B 116 -3.22 4.69 16.23
C ILE B 116 -2.72 3.26 16.04
N ASP B 117 -3.64 2.37 15.58
CA ASP B 117 -3.38 0.97 15.26
C ASP B 117 -2.72 0.97 13.89
N ASN B 118 -1.53 0.35 13.80
CA ASN B 118 -0.79 0.21 12.57
C ASN B 118 -0.90 -1.26 12.11
N PRO B 119 -1.88 -1.63 11.26
CA PRO B 119 -1.97 -3.03 10.83
C PRO B 119 -0.76 -3.43 10.00
N ILE B 120 -0.11 -4.51 10.42
CA ILE B 120 1.08 -5.07 9.77
C ILE B 120 0.81 -6.54 9.41
N ASN B 121 1.08 -6.91 8.16
CA ASN B 121 0.88 -8.30 7.75
C ASN B 121 2.20 -9.03 7.87
N ILE B 122 2.32 -9.92 8.87
CA ILE B 122 3.53 -10.70 9.10
C ILE B 122 3.27 -12.09 8.57
N ALA B 123 3.80 -12.34 7.36
CA ALA B 123 3.60 -13.56 6.61
C ALA B 123 4.84 -14.43 6.49
N VAL B 124 4.72 -15.67 6.98
CA VAL B 124 5.78 -16.67 6.87
C VAL B 124 5.29 -17.83 6.05
N PRO B 125 5.90 -18.02 4.87
CA PRO B 125 5.51 -19.15 4.03
C PRO B 125 6.19 -20.43 4.52
N GLY B 126 5.40 -21.50 4.57
CA GLY B 126 5.84 -22.82 5.00
C GLY B 126 5.55 -23.11 6.45
N VAL B 127 5.06 -22.10 7.16
CA VAL B 127 4.75 -22.15 8.60
C VAL B 127 3.34 -21.57 8.86
N ALA B 128 2.59 -22.20 9.80
CA ALA B 128 1.25 -21.77 10.20
C ALA B 128 1.35 -20.52 11.08
N GLN B 129 0.31 -19.67 11.06
CA GLN B 129 0.22 -18.41 11.82
C GLN B 129 0.49 -18.55 13.32
N GLN B 130 0.31 -19.76 13.89
CA GLN B 130 0.58 -20.02 15.32
C GLN B 130 2.07 -20.20 15.62
N ASN B 131 2.83 -20.96 14.76
CA ASN B 131 4.28 -21.21 14.91
C ASN B 131 5.12 -19.92 14.99
N VAL B 132 4.62 -18.81 14.37
CA VAL B 132 5.32 -17.53 14.33
C VAL B 132 5.08 -16.67 15.57
N SER B 133 6.11 -15.93 15.90
CA SER B 133 6.15 -15.00 17.00
C SER B 133 6.83 -13.74 16.46
N ALA B 134 6.23 -12.59 16.74
CA ALA B 134 6.74 -11.30 16.31
C ALA B 134 6.82 -10.36 17.50
N THR B 135 7.92 -9.62 17.57
CA THR B 135 8.08 -8.62 18.63
C THR B 135 8.53 -7.30 18.02
N ILE B 136 8.33 -6.21 18.76
CA ILE B 136 8.71 -4.84 18.40
C ILE B 136 9.51 -4.24 19.56
N ASN B 137 10.47 -3.37 19.24
CA ASN B 137 11.31 -2.76 20.28
C ASN B 137 10.76 -1.39 20.75
N ASN B 138 9.81 -0.82 19.98
CA ASN B 138 9.17 0.47 20.22
C ASN B 138 7.67 0.22 20.27
N GLY B 139 7.11 0.38 21.46
CA GLY B 139 5.68 0.18 21.67
C GLY B 139 5.28 -1.27 21.79
N THR B 140 4.07 -1.60 21.31
CA THR B 140 3.47 -2.93 21.38
C THR B 140 3.19 -3.47 20.00
N LEU B 141 3.22 -4.80 19.86
CA LEU B 141 2.90 -5.49 18.62
C LEU B 141 2.05 -6.70 19.04
N THR B 142 0.72 -6.56 18.95
CA THR B 142 -0.23 -7.60 19.33
C THR B 142 -0.88 -8.23 18.14
N ARG B 143 -1.50 -9.40 18.31
CA ARG B 143 -2.19 -10.12 17.26
C ARG B 143 -3.65 -9.71 17.22
N ARG B 144 -4.21 -9.62 16.02
CA ARG B 144 -5.64 -9.35 15.78
C ARG B 144 -6.07 -10.15 14.55
N GLY B 145 -6.64 -11.32 14.82
CA GLY B 145 -7.06 -12.24 13.77
C GLY B 145 -5.85 -12.68 12.96
N ASN B 146 -5.92 -12.52 11.63
CA ASN B 146 -4.86 -12.89 10.68
C ASN B 146 -3.82 -11.76 10.50
N LEU B 147 -3.84 -10.76 11.40
CA LEU B 147 -2.94 -9.61 11.32
C LEU B 147 -2.28 -9.30 12.63
N TRP B 148 -1.34 -8.35 12.59
CA TRP B 148 -0.65 -7.80 13.76
C TRP B 148 -0.99 -6.29 13.88
N ILE B 149 -0.85 -5.75 15.09
CA ILE B 149 -1.12 -4.34 15.38
C ILE B 149 0.05 -3.72 16.10
N ALA B 150 0.74 -2.77 15.46
CA ALA B 150 1.82 -2.05 16.10
C ALA B 150 1.31 -0.75 16.64
N ARG B 151 1.68 -0.44 17.89
CA ARG B 151 1.30 0.83 18.52
C ARG B 151 2.63 1.39 19.00
N PRO B 152 3.36 2.13 18.15
CA PRO B 152 4.66 2.66 18.57
C PRO B 152 4.53 3.81 19.57
N THR B 153 5.51 3.95 20.50
CA THR B 153 5.42 4.97 21.54
C THR B 153 6.46 6.08 21.44
N LYS B 154 7.66 5.78 20.87
CA LYS B 154 8.72 6.80 20.79
C LYS B 154 8.88 7.37 19.38
N VAL B 155 8.33 8.56 19.14
CA VAL B 155 8.39 9.26 17.85
C VAL B 155 9.82 9.78 17.59
N GLY B 156 10.27 9.58 16.35
CA GLY B 156 11.60 9.97 15.91
C GLY B 156 12.65 8.89 16.13
N SER B 157 12.25 7.76 16.75
CA SER B 157 13.11 6.59 16.95
C SER B 157 12.67 5.47 15.99
N GLU B 158 13.51 4.43 15.85
CA GLU B 158 13.26 3.32 14.95
C GLU B 158 12.50 2.23 15.65
N ALA B 159 11.65 1.55 14.89
CA ALA B 159 10.83 0.42 15.34
C ALA B 159 11.39 -0.80 14.63
N ILE B 160 11.95 -1.72 15.37
CA ILE B 160 12.45 -2.94 14.76
C ILE B 160 11.50 -4.08 15.09
N ILE B 161 10.90 -4.65 14.03
CA ILE B 161 10.02 -5.81 14.13
C ILE B 161 10.89 -7.06 13.92
N SER B 162 10.88 -7.95 14.91
CA SER B 162 11.65 -9.18 14.88
C SER B 162 10.67 -10.31 14.80
N VAL B 163 10.77 -11.11 13.73
CA VAL B 163 9.90 -12.25 13.50
C VAL B 163 10.72 -13.51 13.65
N THR B 164 10.18 -14.49 14.39
CA THR B 164 10.82 -15.80 14.60
C THR B 164 9.76 -16.90 14.42
N ALA B 165 10.19 -18.07 13.91
CA ALA B 165 9.29 -19.21 13.68
C ALA B 165 9.61 -20.49 14.48
N GLN B 166 10.87 -20.68 14.94
CA GLN B 166 11.31 -21.88 15.68
C GLN B 166 11.43 -23.13 14.78
N SER B 167 10.31 -23.88 14.58
CA SER B 167 10.16 -25.11 13.77
C SER B 167 11.43 -26.01 13.69
N GLY B 168 12.03 -26.25 14.84
CA GLY B 168 13.23 -27.06 14.98
C GLY B 168 13.76 -27.06 16.40
N GLY B 169 15.03 -27.46 16.54
CA GLY B 169 15.74 -27.52 17.82
C GLY B 169 16.10 -26.16 18.40
N ARG B 170 16.49 -25.21 17.53
CA ARG B 170 16.88 -23.86 17.90
C ARG B 170 15.88 -22.87 17.32
N THR B 171 15.52 -21.82 18.09
CA THR B 171 14.59 -20.76 17.66
C THR B 171 15.21 -19.97 16.49
N ILE B 172 14.57 -20.01 15.31
CA ILE B 172 15.10 -19.41 14.08
C ILE B 172 14.54 -18.01 13.81
N GLN B 173 15.44 -17.05 13.51
CA GLN B 173 15.12 -15.65 13.19
C GLN B 173 14.73 -15.59 11.74
N MET B 174 13.53 -15.09 11.48
CA MET B 174 12.91 -15.04 10.17
C MET B 174 13.10 -13.72 9.44
N ALA B 175 12.98 -12.59 10.17
CA ALA B 175 13.12 -11.25 9.60
C ALA B 175 13.32 -10.20 10.66
N LYS B 176 14.23 -9.25 10.39
CA LYS B 176 14.45 -8.03 11.19
C LYS B 176 14.07 -6.86 10.25
N THR B 177 12.95 -6.19 10.54
CA THR B 177 12.47 -5.08 9.73
C THR B 177 12.56 -3.76 10.49
N THR B 178 13.25 -2.77 9.92
CA THR B 178 13.35 -1.45 10.55
C THR B 178 12.31 -0.52 9.91
N LEU B 179 11.47 0.14 10.76
CA LEU B 179 10.40 1.06 10.34
C LEU B 179 10.55 2.36 11.08
N ARG B 180 10.15 3.48 10.44
CA ARG B 180 10.24 4.82 11.05
C ARG B 180 9.02 5.17 11.89
N VAL B 181 9.19 5.81 13.04
CA VAL B 181 8.06 6.21 13.90
C VAL B 181 7.83 7.72 13.79
N ARG B 182 6.62 8.06 13.39
CA ARG B 182 6.22 9.43 13.16
C ARG B 182 5.01 9.79 13.96
N ALA B 183 4.92 11.06 14.34
CA ALA B 183 3.70 11.55 14.96
C ALA B 183 2.69 11.63 13.83
N LEU B 184 1.40 11.63 14.16
CA LEU B 184 0.38 11.78 13.13
C LEU B 184 0.48 13.19 12.54
N PRO B 185 0.23 13.34 11.22
CA PRO B 185 0.44 14.66 10.60
C PRO B 185 -0.48 15.72 11.16
N ASP B 186 -0.15 17.00 10.91
CA ASP B 186 -1.02 18.07 11.36
C ASP B 186 -2.13 18.24 10.30
N PRO B 187 -3.41 18.43 10.72
CA PRO B 187 -4.46 18.61 9.72
C PRO B 187 -4.50 20.03 9.16
N LEU B 188 -5.29 20.26 8.11
CA LEU B 188 -5.50 21.58 7.55
C LEU B 188 -6.94 22.00 7.90
N PRO B 189 -7.24 23.29 8.20
CA PRO B 189 -8.64 23.64 8.51
C PRO B 189 -9.50 23.75 7.25
N TYR B 190 -10.83 23.64 7.40
CA TYR B 190 -11.77 23.76 6.27
C TYR B 190 -13.17 24.14 6.76
N ILE B 191 -14.03 24.57 5.83
CA ILE B 191 -15.44 24.89 6.10
C ILE B 191 -16.29 23.94 5.24
N GLU B 192 -17.04 23.02 5.90
CA GLU B 192 -17.86 22.02 5.18
C GLU B 192 -19.13 22.70 4.68
N TYR B 193 -19.33 22.71 3.37
CA TYR B 193 -20.51 23.37 2.78
C TYR B 193 -21.18 22.54 1.68
N LYS B 194 -22.48 22.76 1.47
CA LYS B 194 -23.28 22.10 0.42
C LYS B 194 -23.46 23.10 -0.73
N ASP B 195 -23.12 22.70 -1.98
CA ASP B 195 -23.25 23.55 -3.18
C ASP B 195 -24.74 23.78 -3.57
N VAL B 196 -25.00 24.45 -4.72
CA VAL B 196 -26.36 24.74 -5.24
C VAL B 196 -27.19 23.47 -5.52
N GLN B 197 -26.52 22.32 -5.80
CA GLN B 197 -27.12 21.00 -6.06
C GLN B 197 -27.38 20.23 -4.76
N GLY B 198 -26.60 20.52 -3.71
CA GLY B 198 -26.70 19.90 -2.39
C GLY B 198 -25.50 19.08 -1.98
N ASN B 199 -24.55 18.87 -2.93
CA ASN B 199 -23.32 18.08 -2.75
C ASN B 199 -22.33 18.74 -1.78
N THR B 200 -21.75 17.94 -0.86
CA THR B 200 -20.79 18.39 0.14
C THR B 200 -19.39 18.64 -0.44
N LYS B 201 -18.85 19.84 -0.19
CA LYS B 201 -17.52 20.32 -0.63
C LYS B 201 -16.79 20.93 0.56
N ARG B 202 -15.44 20.96 0.51
CA ARG B 202 -14.61 21.48 1.60
C ARG B 202 -13.81 22.71 1.18
N PHE B 203 -14.18 23.89 1.73
CA PHE B 203 -13.66 25.23 1.49
C PHE B 203 -12.13 25.39 1.60
N LYS B 204 -11.52 26.10 0.64
CA LYS B 204 -10.07 26.29 0.49
C LYS B 204 -9.33 27.10 1.62
N GLY B 205 -9.61 28.39 1.88
CA GLY B 205 -10.74 29.21 1.48
C GLY B 205 -10.90 29.89 0.13
N GLY B 206 -10.58 31.17 0.07
CA GLY B 206 -10.83 31.97 -1.12
C GLY B 206 -12.19 32.63 -1.02
N ARG B 207 -13.13 32.33 -1.96
CA ARG B 207 -14.49 32.91 -1.99
C ARG B 207 -15.62 31.91 -1.65
N LEU B 208 -16.63 32.36 -0.84
CA LEU B 208 -17.80 31.58 -0.41
C LEU B 208 -18.95 32.49 0.02
N GLY B 209 -20.18 32.06 -0.24
CA GLY B 209 -21.40 32.79 0.14
C GLY B 209 -21.69 32.69 1.62
N LYS B 210 -22.28 33.75 2.21
CA LYS B 210 -22.60 33.78 3.65
C LYS B 210 -23.66 32.72 4.04
N ARG B 211 -24.67 32.48 3.14
CA ARG B 211 -25.71 31.46 3.31
C ARG B 211 -25.05 30.10 3.45
N GLU B 212 -23.94 29.91 2.73
CA GLU B 212 -23.12 28.70 2.68
C GLU B 212 -22.11 28.65 3.86
N ILE B 213 -21.77 29.83 4.45
CA ILE B 213 -20.85 29.94 5.59
C ILE B 213 -21.59 29.53 6.87
N LEU B 214 -22.74 30.15 7.11
CA LEU B 214 -23.56 29.93 8.30
C LEU B 214 -24.18 28.53 8.35
N ALA B 215 -24.25 27.83 7.19
CA ALA B 215 -24.76 26.46 7.06
C ALA B 215 -23.80 25.46 7.75
N ALA B 216 -22.48 25.75 7.70
CA ALA B 216 -21.42 24.95 8.33
C ALA B 216 -21.52 25.00 9.86
N GLY B 217 -21.62 26.19 10.43
CA GLY B 217 -21.73 26.39 11.88
C GLY B 217 -20.42 26.42 12.64
N GLY B 218 -19.30 26.20 11.93
CA GLY B 218 -17.96 26.24 12.52
C GLY B 218 -16.81 25.84 11.61
N ILE B 219 -15.64 25.66 12.22
CA ILE B 219 -14.41 25.21 11.56
C ILE B 219 -14.23 23.72 11.85
N LYS B 220 -13.82 22.94 10.81
CA LYS B 220 -13.51 21.50 10.85
C LYS B 220 -12.03 21.33 10.44
N ALA B 221 -11.35 20.28 10.97
CA ALA B 221 -9.95 20.04 10.62
C ALA B 221 -9.77 18.61 10.17
N ALA B 222 -9.05 18.42 9.07
CA ALA B 222 -8.77 17.10 8.49
C ALA B 222 -7.55 17.14 7.56
N LEU B 223 -7.01 15.98 7.19
CA LEU B 223 -5.89 15.93 6.25
C LEU B 223 -6.44 15.98 4.82
N ASP B 224 -5.60 16.40 3.84
CA ASP B 224 -5.94 16.48 2.41
C ASP B 224 -6.25 15.10 1.86
N ASP B 225 -5.45 14.11 2.29
CA ASP B 225 -5.53 12.67 1.98
C ASP B 225 -6.36 12.00 3.10
N ASP B 226 -6.76 10.69 3.04
CA ASP B 226 -6.62 9.59 2.09
C ASP B 226 -5.31 8.79 2.24
N LEU B 227 -4.36 9.19 3.12
CA LEU B 227 -3.13 8.41 3.27
C LEU B 227 -3.34 7.16 4.13
N LEU B 228 -3.85 7.14 5.39
CA LEU B 228 -4.16 8.00 6.56
C LEU B 228 -5.56 8.53 6.61
N GLU B 229 -6.41 7.74 7.28
CA GLU B 229 -7.82 8.02 7.53
C GLU B 229 -7.92 8.26 9.03
N VAL B 230 -7.72 9.53 9.42
CA VAL B 230 -7.60 9.96 10.82
C VAL B 230 -8.55 11.10 11.18
N ASN B 231 -9.12 11.07 12.40
CA ASN B 231 -10.06 12.09 12.91
C ASN B 231 -9.33 13.18 13.71
N TYR B 232 -9.55 14.43 13.31
CA TYR B 232 -9.00 15.58 13.99
C TYR B 232 -10.18 16.46 14.40
N THR B 233 -10.17 16.97 15.64
CA THR B 233 -11.24 17.84 16.10
C THR B 233 -10.66 19.20 16.33
N VAL B 234 -11.44 20.23 16.05
CA VAL B 234 -11.03 21.60 16.29
C VAL B 234 -11.33 21.86 17.78
N VAL B 235 -10.28 22.18 18.55
CA VAL B 235 -10.37 22.48 19.98
C VAL B 235 -10.96 23.90 20.13
N LYS B 236 -10.24 24.90 19.61
CA LYS B 236 -10.63 26.32 19.66
C LYS B 236 -10.06 27.06 18.45
N PHE B 237 -10.69 28.19 18.10
CA PHE B 237 -10.31 29.05 16.97
C PHE B 237 -10.71 30.50 17.21
N GLN B 238 -10.21 31.41 16.37
CA GLN B 238 -10.49 32.84 16.45
C GLN B 238 -10.90 33.37 15.08
N LEU B 239 -11.76 34.39 15.05
CA LEU B 239 -12.15 35.05 13.79
C LEU B 239 -11.72 36.51 13.82
N VAL B 240 -11.00 36.98 12.79
CA VAL B 240 -10.52 38.36 12.74
C VAL B 240 -11.39 39.23 11.83
N PHE B 241 -11.86 40.38 12.39
CA PHE B 241 -12.71 41.37 11.74
C PHE B 241 -12.00 42.74 11.74
N TYR B 242 -12.58 43.77 11.04
CA TYR B 242 -11.98 45.12 10.92
C TYR B 242 -13.01 46.27 11.05
N ASP B 243 -12.77 47.21 12.00
CA ASP B 243 -13.63 48.37 12.25
C ASP B 243 -13.43 49.50 11.22
N SER B 244 -13.96 50.69 11.55
CA SER B 244 -13.89 51.92 10.76
C SER B 244 -12.54 52.65 10.95
N MET B 245 -11.81 52.32 12.03
CA MET B 245 -10.51 52.90 12.37
C MET B 245 -9.32 52.03 11.85
N GLY B 246 -9.64 50.95 11.12
CA GLY B 246 -8.66 50.02 10.57
C GLY B 246 -7.97 49.12 11.58
N ASN B 247 -8.62 48.90 12.75
CA ASN B 247 -8.12 48.06 13.84
C ASN B 247 -8.62 46.63 13.70
N SER B 248 -7.78 45.64 14.07
CA SER B 248 -8.15 44.23 14.02
C SER B 248 -8.91 43.82 15.28
N ILE B 249 -10.06 43.15 15.10
CA ILE B 249 -10.90 42.69 16.21
C ILE B 249 -10.92 41.14 16.26
N PRO B 250 -10.08 40.53 17.14
CA PRO B 250 -10.07 39.07 17.25
C PRO B 250 -11.15 38.53 18.22
N GLU B 251 -12.18 37.86 17.65
CA GLU B 251 -13.29 37.29 18.40
C GLU B 251 -13.09 35.78 18.56
N VAL B 252 -13.14 35.32 19.81
CA VAL B 252 -12.97 33.92 20.21
C VAL B 252 -14.26 33.13 19.89
N SER B 253 -14.14 31.80 19.65
CA SER B 253 -15.25 30.91 19.34
C SER B 253 -15.59 29.93 20.49
N ASP B 254 -16.84 29.39 20.47
CA ASP B 254 -17.34 28.40 21.43
C ASP B 254 -16.97 26.99 20.91
N GLY B 255 -15.70 26.64 21.11
CA GLY B 255 -15.12 25.38 20.65
C GLY B 255 -14.92 25.33 19.16
N ALA B 256 -15.48 24.29 18.50
CA ALA B 256 -15.43 24.04 17.05
C ALA B 256 -16.66 24.66 16.36
N SER B 257 -17.43 25.45 17.11
CA SER B 257 -18.61 26.17 16.64
C SER B 257 -18.40 27.69 16.79
N PHE B 258 -19.07 28.46 15.91
CA PHE B 258 -19.04 29.93 15.95
C PHE B 258 -19.73 30.47 17.21
N SER B 259 -19.15 31.51 17.83
CA SER B 259 -19.75 32.13 19.01
C SER B 259 -20.90 33.06 18.54
N GLU B 260 -21.82 33.41 19.45
CA GLU B 260 -22.96 34.29 19.14
C GLU B 260 -22.50 35.71 18.72
N ARG B 261 -21.36 36.19 19.26
CA ARG B 261 -20.76 37.50 18.91
C ARG B 261 -20.23 37.45 17.47
N GLN B 262 -19.59 36.30 17.10
CA GLN B 262 -19.05 36.03 15.76
C GLN B 262 -20.18 35.88 14.74
N LYS B 263 -21.17 34.99 15.02
CA LYS B 263 -22.36 34.71 14.20
C LYS B 263 -23.05 36.00 13.72
N ARG B 264 -23.17 36.99 14.63
CA ARG B 264 -23.78 38.29 14.35
C ARG B 264 -22.88 39.09 13.39
N GLN B 265 -21.55 39.10 13.64
CA GLN B 265 -20.53 39.82 12.85
C GLN B 265 -20.53 39.41 11.38
N ILE B 266 -20.70 38.09 11.14
CA ILE B 266 -20.72 37.45 9.81
C ILE B 266 -21.96 37.90 9.01
N GLN B 267 -23.12 38.01 9.70
CA GLN B 267 -24.40 38.44 9.11
C GLN B 267 -24.33 39.90 8.66
N ASN B 268 -23.90 40.81 9.56
CA ASN B 268 -23.81 42.25 9.28
C ASN B 268 -22.55 42.67 8.47
N LEU B 269 -21.66 41.71 8.13
CA LEU B 269 -20.41 41.96 7.40
C LEU B 269 -20.61 42.62 6.00
N GLY B 270 -21.25 41.90 5.07
CA GLY B 270 -21.48 42.36 3.70
C GLY B 270 -20.59 41.70 2.66
N LYS B 271 -21.04 41.70 1.39
CA LYS B 271 -20.33 41.06 0.26
C LYS B 271 -18.98 41.71 -0.08
N GLY B 272 -18.00 40.86 -0.42
CA GLY B 272 -16.64 41.25 -0.77
C GLY B 272 -15.72 41.42 0.42
N LYS B 273 -16.31 41.68 1.60
CA LYS B 273 -15.58 41.86 2.85
C LYS B 273 -14.86 40.57 3.29
N ARG B 274 -13.63 40.74 3.77
CA ARG B 274 -12.76 39.64 4.17
C ARG B 274 -12.64 39.50 5.69
N PHE B 275 -12.66 38.24 6.15
CA PHE B 275 -12.44 37.83 7.54
C PHE B 275 -11.53 36.62 7.57
N TYR B 276 -10.85 36.42 8.69
CA TYR B 276 -9.89 35.34 8.80
C TYR B 276 -10.15 34.47 9.99
N VAL B 277 -9.73 33.20 9.91
CA VAL B 277 -9.82 32.22 11.01
C VAL B 277 -8.40 31.93 11.48
N THR B 278 -8.00 32.53 12.59
CA THR B 278 -6.64 32.38 13.11
C THR B 278 -6.60 31.63 14.44
N GLU B 279 -5.39 31.27 14.89
CA GLU B 279 -5.10 30.54 16.14
C GLU B 279 -6.01 29.31 16.27
N VAL B 280 -5.99 28.47 15.21
CA VAL B 280 -6.81 27.26 15.08
C VAL B 280 -6.06 26.11 15.71
N ILE B 281 -6.56 25.63 16.85
CA ILE B 281 -5.95 24.49 17.54
C ILE B 281 -6.77 23.24 17.24
N ALA B 282 -6.11 22.19 16.72
CA ALA B 282 -6.72 20.90 16.38
C ALA B 282 -6.12 19.78 17.22
N ARG B 283 -6.87 18.67 17.42
CA ARG B 283 -6.43 17.52 18.22
C ARG B 283 -6.65 16.18 17.49
N GLY B 284 -5.58 15.41 17.37
CA GLY B 284 -5.59 14.09 16.74
C GLY B 284 -5.97 13.01 17.72
N PRO B 285 -5.95 11.72 17.31
CA PRO B 285 -6.28 10.63 18.25
C PRO B 285 -5.29 10.49 19.40
N ASP B 286 -4.02 10.91 19.17
CA ASP B 286 -2.91 10.87 20.13
C ASP B 286 -3.15 11.86 21.29
N GLY B 287 -4.15 12.72 21.13
CA GLY B 287 -4.56 13.74 22.09
C GLY B 287 -3.71 15.00 22.07
N ILE B 288 -2.76 15.10 21.14
CA ILE B 288 -1.92 16.27 21.12
C ILE B 288 -2.60 17.45 20.43
N GLU B 289 -2.69 18.58 21.16
CA GLU B 289 -3.27 19.79 20.61
C GLU B 289 -2.20 20.44 19.73
N ARG B 290 -2.57 20.92 18.52
CA ARG B 290 -1.58 21.48 17.61
C ARG B 290 -2.10 22.71 16.84
N LYS B 291 -1.21 23.72 16.68
CA LYS B 291 -1.53 24.94 15.96
C LYS B 291 -1.45 24.65 14.46
N ILE B 292 -2.59 24.74 13.79
CA ILE B 292 -2.70 24.50 12.35
C ILE B 292 -2.86 25.85 11.58
N PRO B 293 -2.63 25.91 10.24
CA PRO B 293 -2.68 27.20 9.52
C PRO B 293 -4.00 27.97 9.49
N ALA B 294 -3.98 29.19 8.90
CA ALA B 294 -5.13 30.11 8.79
C ALA B 294 -5.80 30.10 7.40
N ILE B 295 -7.05 30.61 7.32
CA ILE B 295 -7.84 30.68 6.09
C ILE B 295 -8.35 32.09 5.85
N GLU B 296 -8.32 32.53 4.57
CA GLU B 296 -8.88 33.81 4.14
C GLU B 296 -10.32 33.55 3.70
N VAL B 297 -11.31 34.18 4.34
CA VAL B 297 -12.71 34.00 3.98
C VAL B 297 -13.29 35.28 3.39
N ILE B 298 -13.70 35.21 2.10
CA ILE B 298 -14.31 36.32 1.37
C ILE B 298 -15.81 36.02 1.17
N VAL B 299 -16.69 37.00 1.47
CA VAL B 299 -18.14 36.84 1.33
C VAL B 299 -18.58 37.06 -0.13
N ASN B 300 -19.49 36.19 -0.62
CA ASN B 300 -20.07 36.23 -1.96
C ASN B 300 -21.54 35.71 -1.94
#